data_4ZB8
#
_entry.id   4ZB8
#
_cell.length_a   70.848
_cell.length_b   77.378
_cell.length_c   89.212
_cell.angle_alpha   90.00
_cell.angle_beta   90.00
_cell.angle_gamma   90.00
#
_symmetry.space_group_name_H-M   'C 2 2 21'
#
loop_
_entity.id
_entity.type
_entity.pdbx_description
1 polymer PcUre2p6
2 non-polymer 'OXIDIZED GLUTATHIONE DISULFIDE'
3 water water
#
_entity_poly.entity_id   1
_entity_poly.type   'polypeptide(L)'
_entity_poly.pdbx_seq_one_letter_code
;MSHGKQFTLYTHKGGPNGWKVTIVLEELGLTYESIFLDFQKGEHKAPEYLKVNPNGRIPALIDHKNNDYTVWESNAIIQY
LVDKYDKDRKVSVAPGTNEYYTQLQWLYFQASGQGPYYGQAAWFSVYHPEKVPSAIERYRNEIKRVLGVLESVLSKQEFL
VDGKATVADFSFLPWNEGAAKFLLEGSQFEEEFPATAKWHKKLLERPAIAKVWEERAKVSAH
;
_entity_poly.pdbx_strand_id   A
#
loop_
_chem_comp.id
_chem_comp.type
_chem_comp.name
_chem_comp.formula
GDS non-polymer 'OXIDIZED GLUTATHIONE DISULFIDE' 'C20 H32 N6 O12 S2'
#
# COMPACT_ATOMS: atom_id res chain seq x y z
N MET A 1 22.08 12.97 -0.33
CA MET A 1 21.19 14.05 -0.70
C MET A 1 21.14 15.13 0.36
N SER A 2 20.54 16.27 0.02
CA SER A 2 20.54 17.45 0.86
C SER A 2 19.72 17.24 2.12
N HIS A 3 18.67 16.44 2.01
CA HIS A 3 17.81 16.15 3.14
C HIS A 3 18.45 15.16 4.06
N GLY A 4 19.44 14.44 3.54
CA GLY A 4 20.38 13.71 4.36
C GLY A 4 19.89 12.36 4.87
N LYS A 5 18.68 11.97 4.47
CA LYS A 5 18.17 10.63 4.78
C LYS A 5 18.60 9.61 3.72
N GLN A 6 18.50 8.32 4.03
CA GLN A 6 18.92 7.30 3.09
C GLN A 6 18.08 7.33 1.81
N PHE A 7 16.78 7.49 1.97
CA PHE A 7 15.85 7.41 0.84
C PHE A 7 15.15 8.74 0.57
N THR A 8 14.98 9.05 -0.70
CA THR A 8 13.88 9.91 -1.14
C THR A 8 12.65 9.10 -1.51
N LEU A 9 11.50 9.49 -0.97
CA LEU A 9 10.22 8.91 -1.32
C LEU A 9 9.30 9.95 -1.94
N TYR A 10 9.02 9.80 -3.22
CA TYR A 10 7.98 10.59 -3.86
C TYR A 10 6.60 10.01 -3.54
N THR A 11 5.74 10.86 -2.99
CA THR A 11 4.46 10.44 -2.42
C THR A 11 3.40 11.55 -2.47
N HIS A 12 2.30 11.29 -1.78
CA HIS A 12 1.12 12.12 -1.85
C HIS A 12 0.40 12.03 -0.54
N LYS A 13 -0.16 13.15 -0.08
CA LYS A 13 -0.70 13.22 1.26
C LYS A 13 -1.91 12.30 1.45
N GLY A 14 -2.73 12.20 0.39
CA GLY A 14 -3.99 11.48 0.47
C GLY A 14 -4.07 10.06 -0.04
N GLY A 15 -3.43 9.78 -1.17
CA GLY A 15 -3.58 8.47 -1.79
C GLY A 15 -2.94 7.36 -0.96
N PRO A 16 -3.36 6.12 -1.20
CA PRO A 16 -2.97 5.01 -0.32
C PRO A 16 -1.57 4.47 -0.61
N ASN A 17 -1.10 4.63 -1.85
CA ASN A 17 0.03 3.85 -2.33
C ASN A 17 1.39 4.38 -1.85
N GLY A 18 1.42 5.66 -1.48
CA GLY A 18 2.59 6.23 -0.84
C GLY A 18 2.72 5.82 0.61
N TRP A 19 1.62 5.90 1.34
CA TRP A 19 1.55 5.38 2.69
C TRP A 19 1.83 3.90 2.75
N LYS A 20 1.47 3.17 1.70
CA LYS A 20 1.77 1.74 1.64
C LYS A 20 3.27 1.53 1.78
N VAL A 21 4.06 2.33 1.08
CA VAL A 21 5.50 2.21 1.13
C VAL A 21 6.03 2.71 2.47
N THR A 22 5.51 3.85 2.91
CA THR A 22 5.94 4.46 4.16
C THR A 22 5.87 3.45 5.30
N ILE A 23 4.79 2.69 5.35
CA ILE A 23 4.62 1.66 6.36
C ILE A 23 5.83 0.74 6.46
N VAL A 24 6.29 0.24 5.32
CA VAL A 24 7.43 -0.67 5.28
C VAL A 24 8.73 0.03 5.68
N LEU A 25 8.92 1.24 5.19
CA LEU A 25 10.07 2.06 5.58
C LEU A 25 10.18 2.15 7.11
N GLU A 26 9.08 2.53 7.76
CA GLU A 26 9.05 2.67 9.21
C GLU A 26 9.29 1.33 9.91
N GLU A 27 8.61 0.28 9.45
CA GLU A 27 8.80 -1.06 9.99
C GLU A 27 10.26 -1.48 9.96
N LEU A 28 10.99 -1.01 8.95
CA LEU A 28 12.37 -1.42 8.76
C LEU A 28 13.34 -0.47 9.44
N GLY A 29 12.78 0.54 10.12
CA GLY A 29 13.58 1.54 10.80
C GLY A 29 14.51 2.32 9.88
N LEU A 30 14.12 2.50 8.63
CA LEU A 30 14.93 3.23 7.67
C LEU A 30 14.60 4.73 7.69
N THR A 31 15.56 5.55 7.27
CA THR A 31 15.33 6.99 7.17
C THR A 31 14.98 7.40 5.76
N TYR A 32 14.03 8.32 5.65
CA TYR A 32 13.53 8.75 4.35
C TYR A 32 12.99 10.18 4.43
N GLU A 33 13.13 10.91 3.33
CA GLU A 33 12.42 12.17 3.15
C GLU A 33 11.20 11.98 2.25
N SER A 34 10.03 12.26 2.81
CA SER A 34 8.78 12.25 2.05
C SER A 34 8.62 13.54 1.25
N ILE A 35 8.60 13.40 -0.07
CA ILE A 35 8.27 14.50 -0.96
C ILE A 35 6.83 14.39 -1.43
N PHE A 36 5.97 15.25 -0.91
CA PHE A 36 4.57 15.24 -1.27
C PHE A 36 4.33 16.02 -2.56
N LEU A 37 3.84 15.32 -3.57
CA LEU A 37 3.49 15.94 -4.85
C LEU A 37 2.04 16.46 -4.87
N ASP A 38 1.86 17.62 -5.49
CA ASP A 38 0.53 18.19 -5.66
C ASP A 38 -0.06 17.84 -7.03
N PHE A 39 -1.00 16.92 -7.02
CA PHE A 39 -1.66 16.49 -8.25
C PHE A 39 -2.44 17.63 -8.90
N GLN A 40 -3.08 18.45 -8.08
CA GLN A 40 -3.87 19.57 -8.58
C GLN A 40 -3.02 20.50 -9.42
N LYS A 41 -1.73 20.55 -9.11
CA LYS A 41 -0.80 21.37 -9.87
C LYS A 41 0.02 20.55 -10.86
N GLY A 42 -0.41 19.32 -11.09
CA GLY A 42 0.17 18.49 -12.13
C GLY A 42 1.65 18.20 -11.92
N GLU A 43 2.09 18.23 -10.67
CA GLU A 43 3.49 17.97 -10.34
C GLU A 43 3.89 16.52 -10.65
N HIS A 44 2.93 15.62 -10.70
CA HIS A 44 3.22 14.23 -11.01
C HIS A 44 3.37 14.01 -12.48
N LYS A 45 3.01 14.99 -13.30
CA LYS A 45 3.16 14.83 -14.74
C LYS A 45 4.25 15.73 -15.31
N ALA A 46 5.01 16.37 -14.43
CA ALA A 46 6.02 17.33 -14.84
C ALA A 46 7.33 16.64 -15.25
N PRO A 47 8.03 17.28 -16.17
CA PRO A 47 9.27 16.73 -16.71
C PRO A 47 10.22 16.21 -15.62
N GLU A 48 10.45 16.99 -14.58
CA GLU A 48 11.41 16.60 -13.55
C GLU A 48 11.02 15.24 -12.92
N TYR A 49 9.75 15.07 -12.61
CA TYR A 49 9.29 13.83 -11.99
C TYR A 49 9.25 12.66 -12.97
N LEU A 50 8.75 12.91 -14.18
CA LEU A 50 8.72 11.90 -15.23
C LEU A 50 10.08 11.26 -15.45
N LYS A 51 11.14 12.02 -15.19
CA LYS A 51 12.49 11.47 -15.12
C LYS A 51 12.61 10.36 -14.08
N VAL A 52 11.96 10.57 -12.94
CA VAL A 52 12.00 9.62 -11.83
C VAL A 52 11.05 8.46 -12.10
N ASN A 53 9.82 8.77 -12.46
CA ASN A 53 8.88 7.76 -12.97
C ASN A 53 8.17 8.23 -14.22
N PRO A 54 8.50 7.64 -15.37
CA PRO A 54 7.83 7.99 -16.62
C PRO A 54 6.34 7.61 -16.62
N ASN A 55 5.90 6.83 -15.65
CA ASN A 55 4.45 6.62 -15.45
C ASN A 55 3.75 7.85 -14.87
N GLY A 56 4.53 8.79 -14.35
CA GLY A 56 3.98 9.95 -13.68
C GLY A 56 2.90 9.61 -12.67
N ARG A 57 3.16 8.59 -11.86
CA ARG A 57 2.41 8.37 -10.64
C ARG A 57 3.36 8.14 -9.47
N ILE A 58 2.84 8.26 -8.26
CA ILE A 58 3.57 7.91 -7.05
C ILE A 58 3.08 6.58 -6.49
N PRO A 59 3.95 5.86 -5.79
CA PRO A 59 5.20 6.44 -5.27
C PRO A 59 6.40 6.06 -6.13
N ALA A 60 7.53 6.70 -5.85
CA ALA A 60 8.82 6.21 -6.31
C ALA A 60 9.88 6.45 -5.25
N LEU A 61 11.00 5.74 -5.38
CA LEU A 61 11.97 5.58 -4.31
C LEU A 61 13.37 5.79 -4.88
N ILE A 62 14.17 6.59 -4.20
CA ILE A 62 15.59 6.71 -4.51
C ILE A 62 16.44 6.35 -3.30
N ASP A 63 17.38 5.42 -3.51
CA ASP A 63 18.18 4.89 -2.42
C ASP A 63 19.57 5.52 -2.45
N HIS A 64 19.75 6.57 -1.67
CA HIS A 64 20.96 7.36 -1.72
C HIS A 64 22.15 6.64 -1.12
N LYS A 65 21.88 5.50 -0.50
CA LYS A 65 22.95 4.62 -0.05
C LYS A 65 23.27 3.54 -1.07
N ASN A 66 22.55 3.57 -2.19
CA ASN A 66 22.83 2.68 -3.32
C ASN A 66 22.89 3.48 -4.61
N ASN A 67 23.94 4.28 -4.78
N ASN A 67 23.92 4.30 -4.76
CA ASN A 67 24.33 4.81 -6.10
CA ASN A 67 24.31 4.82 -6.08
C ASN A 67 23.17 5.43 -6.88
C ASN A 67 23.17 5.43 -6.88
N ASP A 68 22.28 6.09 -6.14
CA ASP A 68 20.93 6.65 -6.17
C ASP A 68 20.04 5.79 -7.06
N TYR A 69 20.15 4.47 -6.89
CA TYR A 69 19.25 3.54 -7.56
C TYR A 69 17.80 3.95 -7.31
N THR A 70 17.03 4.03 -8.38
CA THR A 70 15.67 4.55 -8.31
C THR A 70 14.67 3.49 -8.79
N VAL A 71 13.57 3.33 -8.07
CA VAL A 71 12.58 2.32 -8.40
C VAL A 71 11.15 2.73 -8.03
N TRP A 72 10.21 2.35 -8.89
CA TRP A 72 8.82 2.75 -8.75
C TRP A 72 7.84 1.60 -8.88
N GLU A 73 6.59 1.87 -8.53
CA GLU A 73 5.59 0.84 -8.30
C GLU A 73 5.72 0.44 -6.84
N SER A 74 4.64 0.57 -6.07
CA SER A 74 4.74 0.46 -4.62
C SER A 74 5.28 -0.89 -4.15
N ASN A 75 4.82 -1.97 -4.79
CA ASN A 75 5.19 -3.31 -4.34
C ASN A 75 6.56 -3.78 -4.85
N ALA A 76 7.04 -3.16 -5.93
CA ALA A 76 8.42 -3.29 -6.36
C ALA A 76 9.38 -2.63 -5.38
N ILE A 77 9.09 -1.38 -5.03
CA ILE A 77 9.79 -0.68 -3.97
C ILE A 77 9.84 -1.57 -2.73
N ILE A 78 8.69 -2.05 -2.31
CA ILE A 78 8.57 -2.81 -1.06
C ILE A 78 9.43 -4.07 -1.11
N GLN A 79 9.48 -4.72 -2.28
CA GLN A 79 10.31 -5.90 -2.45
C GLN A 79 11.80 -5.59 -2.33
N TYR A 80 12.21 -4.48 -2.95
CA TYR A 80 13.56 -3.95 -2.84
C TYR A 80 13.92 -3.77 -1.37
N LEU A 81 13.03 -3.15 -0.62
CA LEU A 81 13.33 -2.72 0.74
C LEU A 81 13.49 -3.91 1.70
N VAL A 82 12.57 -4.85 1.66
CA VAL A 82 12.66 -6.01 2.53
C VAL A 82 13.82 -6.93 2.13
N ASP A 83 14.00 -7.12 0.83
CA ASP A 83 15.06 -7.99 0.34
C ASP A 83 16.44 -7.49 0.75
N LYS A 84 16.66 -6.20 0.55
CA LYS A 84 17.97 -5.58 0.84
C LYS A 84 18.18 -5.32 2.33
N TYR A 85 17.11 -4.92 3.02
CA TYR A 85 17.22 -4.21 4.29
C TYR A 85 16.39 -4.86 5.40
N ASP A 86 15.90 -6.06 5.13
CA ASP A 86 15.27 -6.90 6.15
C ASP A 86 15.96 -8.27 6.31
N LYS A 87 17.29 -8.29 6.22
CA LYS A 87 18.03 -9.54 6.25
C LYS A 87 17.71 -10.36 7.49
N ASP A 88 17.28 -9.69 8.56
CA ASP A 88 16.87 -10.37 9.77
C ASP A 88 15.44 -10.91 9.69
N ARG A 89 14.75 -10.62 8.60
CA ARG A 89 13.46 -11.22 8.29
C ARG A 89 12.41 -10.90 9.36
N LYS A 90 12.43 -9.68 9.85
CA LYS A 90 11.40 -9.20 10.74
C LYS A 90 10.00 -9.32 10.12
N VAL A 91 9.86 -8.74 8.93
CA VAL A 91 8.56 -8.59 8.29
C VAL A 91 8.46 -9.16 6.88
N SER A 92 9.34 -10.12 6.60
CA SER A 92 9.42 -10.74 5.28
C SER A 92 10.06 -12.14 5.32
N VAL A 93 9.80 -12.93 4.28
CA VAL A 93 10.42 -14.23 4.13
C VAL A 93 11.64 -14.16 3.21
N ALA A 94 12.52 -15.15 3.30
CA ALA A 94 13.76 -15.09 2.53
C ALA A 94 13.60 -15.33 1.01
N PRO A 95 14.24 -14.48 0.23
CA PRO A 95 14.46 -14.77 -1.19
C PRO A 95 14.96 -16.20 -1.39
N GLY A 96 14.53 -16.83 -2.48
CA GLY A 96 15.03 -18.15 -2.84
C GLY A 96 14.37 -19.27 -2.06
N THR A 97 13.19 -18.99 -1.50
CA THR A 97 12.36 -20.01 -0.86
C THR A 97 10.99 -20.13 -1.53
N ASN A 98 10.34 -21.27 -1.37
CA ASN A 98 8.95 -21.41 -1.78
C ASN A 98 8.04 -20.29 -1.25
N GLU A 99 8.16 -20.01 0.04
CA GLU A 99 7.36 -18.99 0.72
C GLU A 99 7.47 -17.61 0.08
N TYR A 100 8.64 -17.30 -0.45
CA TYR A 100 8.87 -16.01 -1.10
C TYR A 100 7.84 -15.76 -2.20
N TYR A 101 7.48 -16.83 -2.91
CA TYR A 101 6.66 -16.69 -4.10
C TYR A 101 5.18 -16.77 -3.79
N THR A 102 4.87 -17.29 -2.61
CA THR A 102 3.57 -17.09 -1.99
C THR A 102 3.41 -15.67 -1.44
N GLN A 103 4.47 -15.17 -0.80
CA GLN A 103 4.57 -13.75 -0.48
C GLN A 103 4.33 -12.87 -1.71
N LEU A 104 5.05 -13.17 -2.78
CA LEU A 104 4.93 -12.39 -4.00
C LEU A 104 3.53 -12.49 -4.60
N GLN A 105 2.99 -13.70 -4.59
CA GLN A 105 1.62 -13.95 -5.03
C GLN A 105 0.66 -12.96 -4.37
N TRP A 106 0.77 -12.81 -3.07
CA TRP A 106 -0.16 -11.98 -2.33
C TRP A 106 0.06 -10.52 -2.59
N LEU A 107 1.32 -10.15 -2.79
CA LEU A 107 1.64 -8.79 -3.18
C LEU A 107 1.02 -8.45 -4.54
N TYR A 108 1.08 -9.39 -5.47
CA TYR A 108 0.47 -9.19 -6.78
C TYR A 108 -1.04 -9.14 -6.72
N PHE A 109 -1.63 -10.00 -5.89
CA PHE A 109 -3.06 -9.90 -5.66
C PHE A 109 -3.42 -8.50 -5.15
N GLN A 110 -2.62 -7.99 -4.21
CA GLN A 110 -2.80 -6.63 -3.71
C GLN A 110 -2.72 -5.59 -4.83
N ALA A 111 -1.64 -5.62 -5.60
CA ALA A 111 -1.33 -4.55 -6.55
C ALA A 111 -2.24 -4.55 -7.78
N SER A 112 -2.80 -5.72 -8.10
CA SER A 112 -3.54 -5.87 -9.36
C SER A 112 -5.01 -6.26 -9.13
N GLY A 113 -5.28 -6.90 -8.01
CA GLY A 113 -6.62 -7.29 -7.64
C GLY A 113 -7.33 -6.34 -6.69
N GLN A 114 -6.59 -5.76 -5.75
CA GLN A 114 -7.19 -4.81 -4.81
C GLN A 114 -7.09 -3.35 -5.26
N GLY A 115 -5.87 -2.86 -5.50
CA GLY A 115 -5.67 -1.45 -5.78
C GLY A 115 -6.47 -0.90 -6.95
N PRO A 116 -6.24 -1.46 -8.14
CA PRO A 116 -6.87 -0.92 -9.34
C PRO A 116 -8.40 -0.91 -9.23
N TYR A 117 -8.97 -2.02 -8.78
CA TYR A 117 -10.42 -2.16 -8.69
C TYR A 117 -11.03 -1.28 -7.58
N TYR A 118 -10.39 -1.24 -6.42
CA TYR A 118 -10.79 -0.31 -5.37
C TYR A 118 -10.78 1.11 -5.91
N GLY A 119 -9.76 1.43 -6.70
CA GLY A 119 -9.56 2.77 -7.21
C GLY A 119 -10.65 3.17 -8.19
N GLN A 120 -11.11 2.20 -8.99
CA GLN A 120 -12.21 2.44 -9.90
C GLN A 120 -13.48 2.80 -9.13
N ALA A 121 -13.75 2.05 -8.07
CA ALA A 121 -14.77 2.42 -7.09
C ALA A 121 -14.61 3.85 -6.59
N ALA A 122 -13.40 4.17 -6.11
CA ALA A 122 -13.08 5.53 -5.69
C ALA A 122 -13.50 6.51 -6.78
N TRP A 123 -13.07 6.25 -8.00
CA TRP A 123 -13.23 7.18 -9.10
C TRP A 123 -14.67 7.42 -9.41
N PHE A 124 -15.43 6.36 -9.60
CA PHE A 124 -16.80 6.47 -10.08
C PHE A 124 -17.72 7.05 -9.02
N SER A 125 -17.42 6.74 -7.76
CA SER A 125 -18.25 7.20 -6.64
C SER A 125 -18.19 8.72 -6.52
N VAL A 126 -16.98 9.28 -6.54
CA VAL A 126 -16.79 10.69 -6.26
C VAL A 126 -16.48 11.52 -7.50
N TYR A 127 -15.50 11.08 -8.28
CA TYR A 127 -14.73 11.98 -9.11
C TYR A 127 -15.05 11.89 -10.60
N HIS A 128 -15.83 10.89 -11.00
CA HIS A 128 -16.29 10.78 -12.38
C HIS A 128 -17.30 11.84 -12.70
N PRO A 129 -17.14 12.47 -13.86
CA PRO A 129 -17.87 13.70 -14.19
C PRO A 129 -19.37 13.46 -14.41
N GLU A 130 -19.77 12.20 -14.47
CA GLU A 130 -21.17 11.85 -14.36
C GLU A 130 -21.34 10.64 -13.45
N LYS A 131 -22.45 10.59 -12.72
CA LYS A 131 -22.77 9.43 -11.92
C LYS A 131 -23.29 8.29 -12.78
N VAL A 132 -22.67 7.13 -12.64
CA VAL A 132 -23.09 5.93 -13.34
C VAL A 132 -23.29 4.80 -12.34
N PRO A 133 -24.55 4.49 -12.04
CA PRO A 133 -24.87 3.53 -10.99
C PRO A 133 -24.35 2.13 -11.31
N SER A 134 -24.44 1.71 -12.57
CA SER A 134 -23.94 0.40 -12.96
C SER A 134 -22.43 0.26 -12.73
N ALA A 135 -21.69 1.34 -13.02
CA ALA A 135 -20.26 1.33 -12.81
C ALA A 135 -19.94 1.33 -11.32
N ILE A 136 -20.55 2.25 -10.59
CA ILE A 136 -20.50 2.23 -9.13
C ILE A 136 -20.76 0.84 -8.56
N GLU A 137 -21.87 0.23 -8.95
CA GLU A 137 -22.24 -1.10 -8.48
C GLU A 137 -21.15 -2.13 -8.78
N ARG A 138 -20.70 -2.19 -10.03
CA ARG A 138 -19.66 -3.11 -10.45
C ARG A 138 -18.51 -3.14 -9.45
N TYR A 139 -17.99 -1.96 -9.13
CA TYR A 139 -16.74 -1.89 -8.38
C TYR A 139 -16.94 -1.95 -6.87
N ARG A 140 -18.11 -1.53 -6.40
CA ARG A 140 -18.58 -1.89 -5.07
C ARG A 140 -18.60 -3.40 -4.87
N ASN A 141 -19.20 -4.12 -5.82
CA ASN A 141 -19.27 -5.57 -5.73
C ASN A 141 -17.88 -6.21 -5.76
N GLU A 142 -16.98 -5.64 -6.54
CA GLU A 142 -15.64 -6.21 -6.65
C GLU A 142 -14.86 -6.05 -5.35
N ILE A 143 -14.99 -4.89 -4.72
CA ILE A 143 -14.46 -4.69 -3.37
C ILE A 143 -14.90 -5.81 -2.44
N LYS A 144 -16.20 -6.10 -2.44
CA LYS A 144 -16.76 -7.17 -1.63
C LYS A 144 -16.15 -8.51 -2.00
N ARG A 145 -16.05 -8.80 -3.30
CA ARG A 145 -15.43 -10.03 -3.77
C ARG A 145 -14.01 -10.19 -3.22
N VAL A 146 -13.17 -9.17 -3.46
CA VAL A 146 -11.81 -9.18 -2.98
C VAL A 146 -11.75 -9.42 -1.47
N LEU A 147 -12.53 -8.67 -0.73
CA LEU A 147 -12.62 -8.87 0.72
C LEU A 147 -13.02 -10.30 1.07
N GLY A 148 -13.94 -10.87 0.29
CA GLY A 148 -14.39 -12.24 0.50
C GLY A 148 -13.27 -13.24 0.25
N VAL A 149 -12.44 -12.97 -0.75
CA VAL A 149 -11.26 -13.76 -0.98
C VAL A 149 -10.34 -13.75 0.23
N LEU A 150 -10.08 -12.57 0.76
CA LEU A 150 -9.25 -12.44 1.96
C LEU A 150 -9.89 -13.17 3.14
N GLU A 151 -11.18 -12.98 3.34
CA GLU A 151 -11.90 -13.62 4.43
C GLU A 151 -11.79 -15.16 4.36
N SER A 152 -11.90 -15.69 3.15
CA SER A 152 -11.77 -17.12 2.92
C SER A 152 -10.42 -17.68 3.37
N VAL A 153 -9.38 -16.86 3.31
CA VAL A 153 -8.06 -17.28 3.77
C VAL A 153 -7.84 -16.95 5.24
N LEU A 154 -8.13 -15.72 5.61
CA LEU A 154 -7.77 -15.19 6.93
C LEU A 154 -8.57 -15.81 8.06
N SER A 155 -9.71 -16.41 7.73
CA SER A 155 -10.51 -17.13 8.72
C SER A 155 -9.87 -18.48 9.07
N LYS A 156 -8.91 -18.91 8.26
CA LYS A 156 -8.34 -20.24 8.35
C LYS A 156 -6.88 -20.20 8.83
N GLN A 157 -6.28 -19.02 8.80
CA GLN A 157 -4.88 -18.86 9.12
C GLN A 157 -4.62 -17.40 9.47
N GLU A 158 -3.63 -17.17 10.32
CA GLU A 158 -3.50 -15.88 11.00
C GLU A 158 -3.01 -14.80 10.04
N PHE A 159 -2.04 -15.16 9.20
CA PHE A 159 -1.44 -14.23 8.25
C PHE A 159 -1.41 -14.83 6.86
N LEU A 160 -1.30 -13.97 5.85
CA LEU A 160 -1.36 -14.39 4.47
C LEU A 160 -0.27 -15.42 4.17
N VAL A 161 0.94 -15.17 4.63
CA VAL A 161 2.05 -16.07 4.38
C VAL A 161 2.37 -16.78 5.67
N ASP A 162 1.79 -17.96 5.84
CA ASP A 162 1.33 -18.44 7.14
C ASP A 162 2.48 -18.38 8.14
N GLY A 163 2.19 -17.88 9.33
CA GLY A 163 3.10 -17.98 10.44
C GLY A 163 3.44 -16.62 11.04
N LYS A 164 3.53 -15.61 10.19
CA LYS A 164 4.03 -14.32 10.63
C LYS A 164 3.56 -13.16 9.75
N ALA A 165 3.25 -12.03 10.38
CA ALA A 165 3.01 -10.79 9.66
C ALA A 165 4.15 -10.53 8.68
N THR A 166 3.80 -10.17 7.44
CA THR A 166 4.78 -9.77 6.45
C THR A 166 4.28 -8.58 5.63
N VAL A 167 5.14 -8.05 4.78
CA VAL A 167 4.73 -6.97 3.88
C VAL A 167 3.51 -7.36 3.05
N ALA A 168 3.38 -8.65 2.73
CA ALA A 168 2.18 -9.15 2.07
C ALA A 168 0.91 -8.66 2.78
N ASP A 169 0.87 -8.85 4.10
CA ASP A 169 -0.22 -8.31 4.89
C ASP A 169 -0.28 -6.78 4.85
N PHE A 170 0.87 -6.13 5.07
CA PHE A 170 0.92 -4.67 5.19
C PHE A 170 0.35 -4.02 3.93
N SER A 171 0.63 -4.62 2.78
CA SER A 171 0.36 -3.99 1.49
C SER A 171 -1.13 -3.68 1.30
N PHE A 172 -1.99 -4.42 1.99
CA PHE A 172 -3.43 -4.28 1.82
C PHE A 172 -4.00 -3.10 2.62
N LEU A 173 -3.23 -2.59 3.56
CA LEU A 173 -3.75 -1.74 4.62
C LEU A 173 -4.43 -0.45 4.12
N PRO A 174 -3.72 0.32 3.30
CA PRO A 174 -4.20 1.66 2.92
C PRO A 174 -5.50 1.59 2.11
N TRP A 175 -5.57 0.66 1.15
CA TRP A 175 -6.77 0.51 0.35
C TRP A 175 -7.93 -0.01 1.15
N ASN A 176 -7.67 -1.00 2.01
CA ASN A 176 -8.70 -1.55 2.86
C ASN A 176 -9.25 -0.54 3.88
N GLU A 177 -8.37 0.29 4.42
CA GLU A 177 -8.80 1.41 5.26
C GLU A 177 -9.73 2.36 4.50
N GLY A 178 -9.32 2.76 3.31
CA GLY A 178 -10.17 3.57 2.44
C GLY A 178 -11.55 2.98 2.31
N ALA A 179 -11.62 1.70 1.97
CA ALA A 179 -12.89 1.02 1.76
C ALA A 179 -13.71 0.96 3.05
N ALA A 180 -13.06 0.57 4.14
CA ALA A 180 -13.70 0.52 5.45
C ALA A 180 -14.41 1.83 5.80
N LYS A 181 -13.80 2.94 5.40
CA LYS A 181 -14.23 4.25 5.88
C LYS A 181 -15.23 4.91 4.93
N PHE A 182 -14.95 4.80 3.62
CA PHE A 182 -15.70 5.54 2.61
C PHE A 182 -16.32 4.78 1.41
N LEU A 183 -15.90 3.54 1.18
CA LEU A 183 -16.42 2.79 0.04
C LEU A 183 -17.49 1.78 0.45
N LEU A 184 -17.42 1.31 1.69
CA LEU A 184 -18.47 0.48 2.25
C LEU A 184 -19.38 1.27 3.20
N GLU A 185 -20.57 0.74 3.44
CA GLU A 185 -21.40 1.16 4.56
C GLU A 185 -20.67 1.00 5.90
N GLY A 186 -20.86 1.94 6.81
CA GLY A 186 -20.21 1.82 8.10
C GLY A 186 -20.68 0.55 8.79
N SER A 187 -19.70 -0.21 9.27
CA SER A 187 -19.92 -1.44 10.03
C SER A 187 -20.10 -2.64 9.10
N GLN A 188 -20.18 -2.37 7.81
CA GLN A 188 -20.26 -3.45 6.83
C GLN A 188 -18.96 -4.24 6.90
N PHE A 189 -17.86 -3.51 7.04
CA PHE A 189 -16.54 -4.11 7.12
C PHE A 189 -16.45 -5.11 8.28
N GLU A 190 -16.78 -4.66 9.48
CA GLU A 190 -16.72 -5.51 10.66
C GLU A 190 -17.71 -6.67 10.57
N GLU A 191 -18.91 -6.41 10.05
CA GLU A 191 -19.98 -7.39 10.08
C GLU A 191 -19.77 -8.48 9.03
N GLU A 192 -19.47 -8.05 7.81
CA GLU A 192 -19.43 -8.94 6.66
C GLU A 192 -18.09 -9.64 6.49
N PHE A 193 -17.03 -9.01 6.98
CA PHE A 193 -15.69 -9.59 6.84
C PHE A 193 -14.91 -9.58 8.16
N PRO A 194 -15.44 -10.31 9.13
CA PRO A 194 -14.97 -10.22 10.51
C PRO A 194 -13.51 -10.63 10.66
N ALA A 195 -13.09 -11.68 9.97
CA ALA A 195 -11.70 -12.12 10.01
C ALA A 195 -10.79 -11.02 9.46
N THR A 196 -11.10 -10.54 8.27
CA THR A 196 -10.24 -9.58 7.59
C THR A 196 -10.10 -8.31 8.44
N ALA A 197 -11.23 -7.85 8.97
CA ALA A 197 -11.25 -6.62 9.75
C ALA A 197 -10.34 -6.71 10.99
N LYS A 198 -10.46 -7.81 11.72
CA LYS A 198 -9.58 -8.07 12.85
C LYS A 198 -8.11 -8.03 12.43
N TRP A 199 -7.80 -8.69 11.33
CA TRP A 199 -6.45 -8.76 10.79
C TRP A 199 -5.96 -7.39 10.43
N HIS A 200 -6.82 -6.61 9.78
CA HIS A 200 -6.53 -5.22 9.47
C HIS A 200 -6.36 -4.31 10.67
N LYS A 201 -7.27 -4.36 11.64
CA LYS A 201 -7.18 -3.46 12.78
C LYS A 201 -5.94 -3.77 13.62
N LYS A 202 -5.65 -5.05 13.82
CA LYS A 202 -4.50 -5.44 14.61
C LYS A 202 -3.19 -4.95 14.00
N LEU A 203 -3.09 -5.06 12.68
CA LEU A 203 -1.92 -4.57 11.96
C LEU A 203 -1.70 -3.08 12.19
N LEU A 204 -2.78 -2.31 12.17
CA LEU A 204 -2.70 -0.86 12.38
C LEU A 204 -2.20 -0.56 13.80
N GLU A 205 -2.15 -1.59 14.63
CA GLU A 205 -1.77 -1.44 16.03
C GLU A 205 -0.30 -1.80 16.28
N ARG A 206 0.36 -2.42 15.31
CA ARG A 206 1.81 -2.46 15.29
C ARG A 206 2.38 -1.06 15.50
N PRO A 207 3.36 -0.94 16.40
CA PRO A 207 3.88 0.37 16.78
C PRO A 207 4.28 1.20 15.56
N ALA A 208 5.09 0.61 14.68
CA ALA A 208 5.56 1.32 13.50
C ALA A 208 4.40 1.81 12.64
N ILE A 209 3.46 0.91 12.35
CA ILE A 209 2.33 1.25 11.50
C ILE A 209 1.45 2.32 12.16
N ALA A 210 1.18 2.15 13.45
CA ALA A 210 0.42 3.15 14.21
C ALA A 210 1.07 4.52 14.14
N LYS A 211 2.39 4.56 14.22
CA LYS A 211 3.15 5.78 14.01
C LYS A 211 2.81 6.42 12.66
N VAL A 212 2.92 5.64 11.61
CA VAL A 212 2.68 6.14 10.27
C VAL A 212 1.27 6.67 10.13
N TRP A 213 0.31 5.94 10.70
CA TRP A 213 -1.08 6.34 10.63
C TRP A 213 -1.31 7.67 11.30
N GLU A 214 -0.70 7.86 12.45
CA GLU A 214 -0.69 9.18 13.10
C GLU A 214 -0.28 10.28 12.12
N GLU A 215 0.83 10.06 11.43
CA GLU A 215 1.33 11.05 10.48
C GLU A 215 0.33 11.23 9.33
N ARG A 216 -0.20 10.11 8.83
CA ARG A 216 -1.28 10.14 7.85
C ARG A 216 -2.41 11.05 8.30
N ALA A 217 -2.85 10.87 9.53
CA ALA A 217 -3.95 11.64 10.08
C ALA A 217 -3.61 13.13 10.09
N LYS A 218 -2.35 13.44 10.38
CA LYS A 218 -1.92 14.82 10.50
C LYS A 218 -2.01 15.58 9.17
N VAL A 219 -1.67 14.92 8.07
CA VAL A 219 -1.71 15.55 6.77
C VAL A 219 -2.98 15.15 6.00
N SER A 220 -3.85 14.41 6.68
CA SER A 220 -5.28 14.51 6.46
C SER A 220 -5.60 15.45 5.31
N1 GDS B . 0.25 0.46 -9.17
CA1 GDS B . 0.77 1.71 -8.66
C1 GDS B . 1.52 1.49 -7.39
OE1 GDS B . 1.06 0.70 -6.56
OE2 GDS B . 2.59 2.12 -7.19
CB1 GDS B . -0.38 2.69 -8.42
CG1 GDS B . 0.11 4.13 -8.37
CD1 GDS B . -1.02 5.09 -8.06
O1 GDS B . -2.17 4.82 -8.35
N2 GDS B . -0.69 6.23 -7.47
CA2 GDS B . -1.60 7.36 -7.35
C2 GDS B . -1.21 8.51 -8.25
O2 GDS B . -0.04 8.82 -8.41
CB2 GDS B . -1.65 7.84 -5.90
SG2 GDS B . -2.71 6.80 -4.95
N3 GDS B . -2.20 9.14 -8.85
CA3 GDS B . -1.94 10.19 -9.83
C3 GDS B . -2.60 9.91 -11.16
OE3 GDS B . -3.09 10.86 -11.79
OE4 GDS B . -2.63 8.74 -11.58
N4 GDS B . -4.77 3.66 -8.29
CA4 GDS B . -5.01 2.26 -8.59
C4 GDS B . -4.19 1.31 -7.73
OE5 GDS B . -3.86 1.65 -6.57
OE6 GDS B . -3.87 0.22 -8.23
C5 GDS B . -5.75 4.52 -8.05
O5 GDS B . -6.92 4.22 -8.16
CA5 GDS B . -5.36 5.90 -7.61
N5 GDS B . -6.28 6.90 -8.12
CB5 GDS B . -5.29 5.96 -6.08
SG5 GDS B . -4.54 7.45 -5.49
CA6 GDS B . -6.22 8.76 -11.84
C6 GDS B . -7.48 8.15 -12.41
OE7 GDS B . -8.04 8.73 -13.37
OE8 GDS B . -7.89 7.10 -11.91
N6 GDS B . -5.59 9.59 -12.85
CB6 GDS B . -6.55 9.61 -10.62
CG6 GDS B . -7.01 8.79 -9.42
CD6 GDS B . -5.91 7.93 -8.87
O6 GDS B . -4.74 8.17 -9.13
#